data_3M50
#
_entry.id   3M50
#
_cell.length_a   97.620
_cell.length_b   97.620
_cell.length_c   217.030
_cell.angle_alpha   90.00
_cell.angle_beta   90.00
_cell.angle_gamma   90.00
#
_symmetry.space_group_name_H-M   'I 41 2 2'
#
loop_
_entity.id
_entity.type
_entity.pdbx_description
1 polymer '14-3-3-like protein C'
2 polymer 'N.plumbaginifolia H+-translocating ATPase mRNA'
3 non-polymer N-[(2R,3R)-3-amino-2-hydroxy-4-phenylbutanoyl]-L-leucine
4 water water
#
loop_
_entity_poly.entity_id
_entity_poly.type
_entity_poly.pdbx_seq_one_letter_code
_entity_poly.pdbx_strand_id
1 'polypeptide(L)'
;MAVAPTAREENVYMAKLAEQAERYEEMVEFMEKVSNSLGSEELTVEERNLLSVAYKNVIGARRASWRIISSIEQKEESRG
NEEHVNSIREYRSKIENELSKICDGILKLLDAKLIPSAASGDSKVFYLKMKGDYHRYLAEFKTGAERKEAAESTLTAYKA
AQDIATTELAPTHPIRLGLALNFSVFYYEILNSPDRACNLAKQAFDEAIAELDTLGEESYKDSTLIMQLLRDNLTLWTSD
;
A
2 'polypeptide(L)' RRELHTLKGHVEAVVKLKGLDIETIQQSYDI P
#
# COMPACT_ATOMS: atom_id res chain seq x y z
N GLU A 9 10.71 -22.87 -9.72
CA GLU A 9 10.71 -23.24 -8.32
C GLU A 9 11.94 -22.57 -7.80
N GLU A 10 12.95 -22.54 -8.65
CA GLU A 10 14.19 -21.90 -8.33
C GLU A 10 14.09 -20.43 -8.00
N ASN A 11 13.37 -19.66 -8.79
CA ASN A 11 13.41 -18.22 -8.65
C ASN A 11 12.68 -17.80 -7.40
N VAL A 12 11.76 -18.67 -6.98
CA VAL A 12 10.97 -18.57 -5.75
C VAL A 12 11.92 -18.72 -4.60
N TYR A 13 12.65 -19.83 -4.66
CA TYR A 13 13.74 -20.10 -3.74
C TYR A 13 14.68 -18.91 -3.61
N MET A 14 15.14 -18.43 -4.75
CA MET A 14 15.97 -17.27 -4.78
C MET A 14 15.27 -16.08 -4.13
N ALA A 15 13.95 -16.02 -4.33
CA ALA A 15 13.16 -14.98 -3.74
C ALA A 15 13.30 -15.03 -2.21
N LYS A 16 13.13 -16.19 -1.61
CA LYS A 16 13.23 -16.29 -0.17
C LYS A 16 14.64 -15.96 0.38
N LEU A 17 15.68 -16.19 -0.42
CA LEU A 17 16.99 -15.79 0.07
C LEU A 17 17.10 -14.28 0.16
N ALA A 18 16.69 -13.62 -0.92
CA ALA A 18 16.76 -12.18 -1.01
C ALA A 18 15.97 -11.60 0.14
N GLU A 19 14.88 -12.27 0.47
CA GLU A 19 14.03 -11.83 1.53
C GLU A 19 14.79 -12.07 2.83
N GLN A 20 15.39 -13.24 2.97
CA GLN A 20 16.11 -13.52 4.23
C GLN A 20 17.19 -12.49 4.38
N ALA A 21 17.72 -12.01 3.25
CA ALA A 21 18.85 -11.12 3.30
C ALA A 21 18.40 -9.68 3.43
N GLU A 22 17.10 -9.44 3.22
CA GLU A 22 16.63 -8.06 3.17
C GLU A 22 17.25 -7.38 1.99
N ARG A 23 17.37 -8.07 0.87
CA ARG A 23 17.75 -7.39 -0.36
C ARG A 23 16.46 -7.43 -1.20
N TYR A 24 15.62 -6.43 -1.01
CA TYR A 24 14.28 -6.51 -1.55
C TYR A 24 14.18 -6.22 -3.04
N GLU A 25 14.88 -5.22 -3.53
N GLU A 25 14.98 -5.27 -3.53
CA GLU A 25 14.85 -5.02 -4.97
CA GLU A 25 15.00 -4.93 -4.97
C GLU A 25 15.18 -6.36 -5.63
C GLU A 25 15.42 -6.11 -5.85
N GLU A 26 16.34 -6.93 -5.35
CA GLU A 26 16.61 -8.25 -5.95
C GLU A 26 15.41 -9.15 -5.74
N MET A 27 14.76 -9.08 -4.58
CA MET A 27 13.54 -9.91 -4.42
C MET A 27 12.51 -9.61 -5.52
N VAL A 28 12.41 -8.33 -5.89
CA VAL A 28 11.45 -7.99 -6.91
C VAL A 28 11.85 -8.75 -8.16
N GLU A 29 13.05 -8.46 -8.64
CA GLU A 29 13.58 -9.08 -9.88
C GLU A 29 13.23 -10.55 -9.93
N PHE A 30 13.56 -11.25 -8.86
CA PHE A 30 13.36 -12.68 -8.88
C PHE A 30 11.89 -12.94 -9.10
N MET A 31 11.06 -12.16 -8.42
CA MET A 31 9.61 -12.44 -8.42
C MET A 31 8.95 -12.03 -9.73
N GLU A 32 9.42 -10.96 -10.33
CA GLU A 32 9.06 -10.69 -11.72
C GLU A 32 9.36 -11.91 -12.58
N LYS A 33 10.61 -12.40 -12.54
CA LYS A 33 11.02 -13.46 -13.43
C LYS A 33 10.01 -14.56 -13.20
N VAL A 34 9.72 -14.80 -11.95
CA VAL A 34 8.87 -15.90 -11.58
C VAL A 34 7.57 -15.87 -12.32
N SER A 35 7.00 -14.68 -12.46
CA SER A 35 5.66 -14.58 -13.04
C SER A 35 5.62 -14.76 -14.53
N ASN A 36 6.54 -14.11 -15.23
CA ASN A 36 6.67 -14.36 -16.66
C ASN A 36 6.85 -15.85 -16.89
N SER A 37 7.88 -16.46 -16.30
CA SER A 37 8.06 -17.91 -16.46
C SER A 37 6.70 -18.59 -16.50
N LEU A 38 5.90 -18.35 -15.46
CA LEU A 38 4.57 -18.97 -15.32
C LEU A 38 3.67 -18.51 -16.47
N GLU A 41 0.01 -18.85 -16.20
CA GLU A 41 -0.74 -19.89 -15.49
C GLU A 41 -1.13 -19.26 -14.15
N GLU A 42 -1.62 -20.02 -13.19
CA GLU A 42 -2.11 -19.38 -11.96
C GLU A 42 -1.05 -19.24 -10.84
N LEU A 43 -0.49 -18.04 -10.72
CA LEU A 43 0.41 -17.73 -9.59
C LEU A 43 -0.19 -18.21 -8.28
N THR A 44 0.62 -18.86 -7.44
CA THR A 44 0.11 -19.48 -6.22
C THR A 44 0.00 -18.48 -5.08
N VAL A 45 -0.74 -18.86 -4.05
CA VAL A 45 -0.78 -18.04 -2.86
C VAL A 45 0.61 -17.70 -2.31
N GLU A 46 1.50 -18.68 -2.22
CA GLU A 46 2.84 -18.35 -1.77
C GLU A 46 3.51 -17.37 -2.70
N GLU A 47 3.41 -17.61 -3.99
CA GLU A 47 4.10 -16.73 -4.92
C GLU A 47 3.55 -15.32 -4.85
N ARG A 48 2.23 -15.23 -4.83
CA ARG A 48 1.57 -13.91 -4.94
C ARG A 48 1.98 -13.13 -3.74
N ASN A 49 1.97 -13.76 -2.59
CA ASN A 49 2.47 -13.11 -1.34
C ASN A 49 3.92 -12.68 -1.36
N LEU A 50 4.84 -13.55 -1.81
CA LEU A 50 6.20 -13.11 -1.90
C LEU A 50 6.25 -11.87 -2.78
N LEU A 51 5.64 -11.96 -3.95
CA LEU A 51 5.81 -10.89 -4.93
C LEU A 51 5.44 -9.57 -4.29
N SER A 52 4.30 -9.60 -3.61
CA SER A 52 3.72 -8.44 -2.96
C SER A 52 4.54 -7.87 -1.80
N VAL A 53 5.08 -8.78 -0.98
CA VAL A 53 5.99 -8.41 0.08
C VAL A 53 7.19 -7.68 -0.51
N ALA A 54 7.74 -8.23 -1.60
CA ALA A 54 8.88 -7.61 -2.25
C ALA A 54 8.67 -6.18 -2.69
N TYR A 55 7.53 -5.96 -3.36
CA TYR A 55 7.20 -4.60 -3.83
C TYR A 55 6.81 -3.74 -2.64
N LYS A 56 6.11 -4.36 -1.71
N LYS A 56 6.09 -4.32 -1.69
CA LYS A 56 5.71 -3.69 -0.48
CA LYS A 56 5.75 -3.54 -0.51
C LYS A 56 6.92 -3.02 0.17
C LYS A 56 7.01 -2.94 0.09
N ASN A 57 8.02 -3.78 0.33
CA ASN A 57 9.26 -3.29 0.93
C ASN A 57 10.07 -2.29 0.06
N VAL A 58 10.22 -2.59 -1.22
CA VAL A 58 10.91 -1.66 -2.11
C VAL A 58 10.19 -0.34 -2.20
N ILE A 59 8.89 -0.37 -2.51
CA ILE A 59 8.16 0.92 -2.51
C ILE A 59 8.10 1.54 -1.11
N GLY A 60 7.95 0.68 -0.08
CA GLY A 60 7.91 1.15 1.32
C GLY A 60 9.09 2.00 1.75
N ALA A 61 10.28 1.54 1.39
CA ALA A 61 11.48 2.28 1.74
C ALA A 61 11.42 3.62 1.01
N ARG A 62 11.14 3.63 -0.28
CA ARG A 62 10.98 4.99 -0.91
C ARG A 62 9.88 5.85 -0.26
N ARG A 63 8.71 5.29 0.02
CA ARG A 63 7.70 6.18 0.62
C ARG A 63 8.17 6.75 1.93
N ALA A 64 8.94 5.97 2.71
CA ALA A 64 9.41 6.47 3.97
C ALA A 64 10.37 7.56 3.66
N SER A 65 11.24 7.39 2.70
CA SER A 65 12.33 8.39 2.71
C SER A 65 11.64 9.64 2.21
N TRP A 66 10.71 9.45 1.27
CA TRP A 66 9.97 10.58 0.70
C TRP A 66 9.26 11.29 1.82
N ARG A 67 8.55 10.58 2.70
CA ARG A 67 7.91 11.40 3.72
C ARG A 67 8.89 12.16 4.57
N ILE A 68 10.08 11.63 4.82
CA ILE A 68 10.94 12.25 5.82
C ILE A 68 11.59 13.45 5.24
N ILE A 69 11.75 13.42 3.95
CA ILE A 69 12.36 14.50 3.30
C ILE A 69 11.34 15.59 3.02
N SER A 70 10.13 15.25 2.69
CA SER A 70 9.17 16.28 2.43
C SER A 70 8.99 17.06 3.68
N SER A 71 9.00 16.36 4.79
CA SER A 71 8.83 17.00 6.04
C SER A 71 9.94 17.97 6.33
N ILE A 72 11.14 17.57 6.01
CA ILE A 72 12.30 18.43 6.14
C ILE A 72 12.21 19.66 5.25
N GLU A 73 11.69 19.45 4.06
CA GLU A 73 11.53 20.52 3.12
C GLU A 73 10.59 21.49 3.76
N GLN A 74 9.57 20.99 4.41
CA GLN A 74 8.61 21.83 5.09
C GLN A 74 9.23 22.63 6.23
N LYS A 75 10.10 22.02 7.02
CA LYS A 75 10.65 22.77 8.13
C LYS A 75 11.40 23.88 7.51
N GLU A 76 12.07 23.58 6.42
CA GLU A 76 12.95 24.57 5.87
C GLU A 76 12.39 25.91 5.33
N GLU A 77 11.28 25.92 4.62
CA GLU A 77 10.70 27.19 4.18
C GLU A 77 10.28 27.86 5.47
N HIS A 84 18.74 25.51 0.27
CA HIS A 84 18.37 24.27 0.92
C HIS A 84 17.11 23.69 0.31
N VAL A 85 16.01 24.40 0.45
CA VAL A 85 14.76 23.91 -0.09
C VAL A 85 14.97 23.27 -1.47
N ASN A 86 15.83 23.82 -2.31
CA ASN A 86 15.92 23.24 -3.65
C ASN A 86 16.85 22.06 -3.77
N SER A 87 17.83 21.98 -2.87
CA SER A 87 18.60 20.74 -2.73
C SER A 87 17.55 19.69 -2.40
N ILE A 88 16.97 19.88 -1.23
CA ILE A 88 15.99 18.95 -0.76
C ILE A 88 15.05 18.58 -1.90
N ARG A 89 14.66 19.61 -2.66
CA ARG A 89 13.70 19.44 -3.73
C ARG A 89 14.26 18.64 -4.91
N GLU A 90 15.54 18.84 -5.23
CA GLU A 90 16.15 17.96 -6.24
C GLU A 90 16.17 16.55 -5.69
N TYR A 91 16.59 16.40 -4.43
CA TYR A 91 16.67 15.08 -3.87
C TYR A 91 15.32 14.31 -3.93
N ARG A 92 14.27 14.97 -3.44
CA ARG A 92 12.94 14.41 -3.46
C ARG A 92 12.62 13.96 -4.87
N SER A 93 13.06 14.77 -5.83
CA SER A 93 12.87 14.46 -7.25
C SER A 93 13.33 13.10 -7.56
N LYS A 94 14.60 12.83 -7.22
CA LYS A 94 15.24 11.57 -7.52
C LYS A 94 14.48 10.47 -6.81
N ILE A 95 14.13 10.71 -5.56
CA ILE A 95 13.29 9.68 -4.93
C ILE A 95 11.97 9.62 -5.65
N GLU A 96 11.48 10.74 -6.15
CA GLU A 96 10.17 10.64 -6.80
C GLU A 96 10.24 9.78 -8.04
N ASN A 97 11.31 9.90 -8.79
CA ASN A 97 11.48 9.04 -9.96
C ASN A 97 11.63 7.56 -9.70
N GLU A 98 12.24 7.21 -8.58
CA GLU A 98 12.33 5.80 -8.23
C GLU A 98 10.96 5.26 -8.02
N LEU A 99 10.14 6.06 -7.32
CA LEU A 99 8.72 5.71 -7.10
C LEU A 99 7.94 5.36 -8.38
N SER A 100 8.11 6.13 -9.42
CA SER A 100 7.33 5.93 -10.63
C SER A 100 7.74 4.61 -11.24
N LYS A 101 9.03 4.33 -11.07
CA LYS A 101 9.59 3.16 -11.69
C LYS A 101 9.06 1.92 -11.06
N ILE A 102 9.08 1.85 -9.72
CA ILE A 102 8.53 0.62 -9.12
C ILE A 102 7.05 0.50 -9.40
N CYS A 103 6.28 1.56 -9.16
CA CYS A 103 4.79 1.44 -9.34
C CYS A 103 4.57 1.05 -10.77
N ASP A 104 5.28 1.74 -11.63
CA ASP A 104 5.32 1.35 -13.02
C ASP A 104 5.62 -0.14 -13.15
N GLY A 105 6.78 -0.59 -12.70
CA GLY A 105 7.08 -2.01 -12.74
C GLY A 105 5.90 -2.89 -12.40
N ILE A 106 5.40 -2.82 -11.18
CA ILE A 106 4.30 -3.77 -10.78
C ILE A 106 2.89 -3.48 -11.43
N LEU A 107 2.58 -2.23 -11.74
CA LEU A 107 1.32 -1.99 -12.47
C LEU A 107 1.28 -2.79 -13.77
N LYS A 108 2.21 -2.52 -14.67
CA LYS A 108 2.20 -3.24 -15.93
C LYS A 108 1.95 -4.67 -15.70
N LEU A 109 2.71 -5.23 -14.77
CA LEU A 109 2.70 -6.67 -14.60
C LEU A 109 1.31 -7.15 -14.22
N LEU A 110 0.58 -6.29 -13.54
CA LEU A 110 -0.81 -6.55 -13.15
C LEU A 110 -1.79 -6.70 -14.31
N ASP A 111 -1.70 -5.81 -15.29
CA ASP A 111 -2.49 -5.97 -16.54
C ASP A 111 -2.09 -7.21 -17.28
N ALA A 112 -0.81 -7.24 -17.65
CA ALA A 112 -0.32 -8.28 -18.54
C ALA A 112 -0.61 -9.66 -18.00
N LYS A 113 -0.07 -10.01 -16.83
CA LYS A 113 -0.13 -11.40 -16.43
C LYS A 113 -1.04 -11.56 -15.29
N LEU A 114 -1.05 -10.61 -14.38
CA LEU A 114 -1.71 -10.89 -13.11
C LEU A 114 -3.24 -10.95 -13.12
N ILE A 115 -3.86 -9.78 -13.32
CA ILE A 115 -5.33 -9.69 -13.27
C ILE A 115 -6.04 -10.60 -14.29
N PRO A 116 -5.73 -10.45 -15.57
CA PRO A 116 -6.36 -11.29 -16.58
C PRO A 116 -6.59 -12.77 -16.19
N SER A 117 -5.71 -13.36 -15.41
CA SER A 117 -5.78 -14.80 -15.17
C SER A 117 -6.44 -15.14 -13.86
N ALA A 118 -6.81 -14.12 -13.09
CA ALA A 118 -7.39 -14.40 -11.78
C ALA A 118 -8.59 -15.31 -11.89
N ALA A 119 -8.55 -16.44 -11.21
CA ALA A 119 -9.67 -17.40 -11.32
C ALA A 119 -10.70 -17.32 -10.20
N SER A 120 -10.44 -16.54 -9.15
CA SER A 120 -11.31 -16.58 -7.95
C SER A 120 -11.56 -15.21 -7.28
N GLY A 121 -12.55 -15.20 -6.39
CA GLY A 121 -12.93 -14.00 -5.64
C GLY A 121 -11.70 -13.36 -5.03
N ASP A 122 -11.05 -14.06 -4.08
CA ASP A 122 -9.92 -13.50 -3.33
C ASP A 122 -8.86 -12.96 -4.24
N SER A 123 -8.52 -13.75 -5.23
CA SER A 123 -7.43 -13.42 -6.12
C SER A 123 -7.69 -12.12 -6.87
N LYS A 124 -8.90 -11.98 -7.42
CA LYS A 124 -9.25 -10.72 -8.10
C LYS A 124 -9.24 -9.54 -7.14
N VAL A 125 -9.79 -9.75 -5.95
CA VAL A 125 -9.79 -8.67 -5.00
C VAL A 125 -8.39 -8.34 -4.58
N PHE A 126 -7.59 -9.39 -4.38
CA PHE A 126 -6.20 -9.18 -3.99
C PHE A 126 -5.54 -8.31 -5.03
N TYR A 127 -5.53 -8.77 -6.28
CA TYR A 127 -4.89 -7.98 -7.35
C TYR A 127 -5.50 -6.60 -7.61
N LEU A 128 -6.83 -6.54 -7.74
CA LEU A 128 -7.49 -5.27 -7.93
C LEU A 128 -7.08 -4.31 -6.79
N LYS A 129 -6.94 -4.84 -5.56
CA LYS A 129 -6.43 -4.01 -4.47
C LYS A 129 -5.00 -3.51 -4.72
N MET A 130 -4.08 -4.42 -5.13
CA MET A 130 -2.69 -4.00 -5.35
C MET A 130 -2.66 -2.86 -6.31
N LYS A 131 -3.42 -3.09 -7.40
CA LYS A 131 -3.51 -2.08 -8.46
C LYS A 131 -3.93 -0.77 -7.87
N GLY A 132 -5.01 -0.80 -7.07
CA GLY A 132 -5.40 0.41 -6.33
C GLY A 132 -4.28 1.02 -5.51
N ASP A 133 -3.62 0.19 -4.67
CA ASP A 133 -2.52 0.71 -3.84
C ASP A 133 -1.41 1.33 -4.70
N TYR A 134 -1.05 0.67 -5.80
CA TYR A 134 0.08 1.28 -6.52
C TYR A 134 -0.29 2.60 -7.21
N HIS A 135 -1.49 2.68 -7.80
CA HIS A 135 -1.87 4.05 -8.30
C HIS A 135 -1.95 4.95 -7.09
N ARG A 136 -2.39 4.34 -6.00
CA ARG A 136 -2.40 5.20 -4.82
C ARG A 136 -1.02 5.72 -4.56
N TYR A 137 0.05 4.89 -4.58
CA TYR A 137 1.37 5.55 -4.36
C TYR A 137 1.74 6.54 -5.40
N LEU A 138 1.46 6.26 -6.68
CA LEU A 138 1.67 7.41 -7.64
C LEU A 138 0.94 8.65 -7.19
N ALA A 139 -0.30 8.50 -6.74
CA ALA A 139 -1.01 9.73 -6.30
C ALA A 139 -0.44 10.50 -5.14
N GLU A 140 0.39 9.91 -4.28
CA GLU A 140 0.75 10.69 -3.09
C GLU A 140 1.71 11.79 -3.44
N PHE A 141 2.39 11.67 -4.58
CA PHE A 141 3.52 12.55 -4.93
C PHE A 141 3.41 13.21 -6.32
N LYS A 142 2.91 12.50 -7.33
CA LYS A 142 2.57 13.18 -8.62
C LYS A 142 1.83 14.48 -8.46
N THR A 143 1.92 15.36 -9.44
CA THR A 143 1.18 16.60 -9.42
C THR A 143 0.30 16.99 -10.58
N GLY A 144 0.25 16.29 -11.68
CA GLY A 144 -0.55 16.91 -12.71
C GLY A 144 -1.73 16.19 -13.26
N ALA A 145 -1.63 15.92 -14.54
CA ALA A 145 -2.55 15.09 -15.21
C ALA A 145 -2.33 13.81 -14.49
N GLU A 146 -1.09 13.55 -14.16
CA GLU A 146 -0.74 12.31 -13.51
C GLU A 146 -1.41 12.15 -12.16
N ARG A 147 -1.42 13.15 -11.31
CA ARG A 147 -2.17 12.98 -10.07
C ARG A 147 -3.61 12.61 -10.38
N LYS A 148 -4.24 13.39 -11.28
CA LYS A 148 -5.66 13.18 -11.58
C LYS A 148 -5.86 11.80 -12.09
N GLU A 149 -5.13 11.45 -13.14
CA GLU A 149 -5.32 10.12 -13.70
C GLU A 149 -4.97 9.03 -12.68
N ALA A 150 -4.11 9.36 -11.70
CA ALA A 150 -3.80 8.35 -10.67
C ALA A 150 -4.91 8.27 -9.63
N ALA A 151 -5.41 9.42 -9.19
CA ALA A 151 -6.55 9.40 -8.31
C ALA A 151 -7.70 8.60 -8.90
N GLU A 152 -7.93 8.72 -10.20
CA GLU A 152 -9.08 8.05 -10.82
C GLU A 152 -8.90 6.54 -10.92
N SER A 153 -7.79 6.13 -11.51
CA SER A 153 -7.40 4.77 -11.64
C SER A 153 -7.52 4.08 -10.28
N THR A 154 -7.03 4.78 -9.26
CA THR A 154 -7.15 4.28 -7.94
C THR A 154 -8.59 4.00 -7.51
N LEU A 155 -9.43 5.06 -7.58
CA LEU A 155 -10.84 4.94 -7.20
C LEU A 155 -11.44 3.77 -7.92
N THR A 156 -11.13 3.63 -9.20
CA THR A 156 -11.84 2.58 -9.94
C THR A 156 -11.34 1.19 -9.71
N ALA A 157 -10.05 1.02 -9.38
CA ALA A 157 -9.54 -0.32 -9.02
C ALA A 157 -10.12 -0.79 -7.66
N TYR A 158 -10.02 0.09 -6.67
CA TYR A 158 -10.63 -0.16 -5.37
C TYR A 158 -12.10 -0.48 -5.52
N LYS A 159 -12.82 0.34 -6.29
CA LYS A 159 -14.23 0.10 -6.38
C LYS A 159 -14.58 -1.27 -6.91
N ALA A 160 -13.95 -1.73 -8.00
CA ALA A 160 -14.30 -3.05 -8.50
C ALA A 160 -13.77 -4.10 -7.55
N ALA A 161 -12.74 -3.77 -6.79
CA ALA A 161 -12.36 -4.78 -5.81
C ALA A 161 -13.51 -4.76 -4.85
N GLN A 162 -13.91 -3.56 -4.44
CA GLN A 162 -14.94 -3.55 -3.45
C GLN A 162 -16.14 -4.34 -3.88
N ASP A 163 -16.61 -4.14 -5.12
CA ASP A 163 -17.84 -4.81 -5.49
C ASP A 163 -17.71 -6.31 -5.31
N ILE A 164 -16.57 -6.88 -5.65
CA ILE A 164 -16.46 -8.32 -5.55
C ILE A 164 -16.36 -8.73 -4.10
N ALA A 165 -15.40 -8.13 -3.40
CA ALA A 165 -15.11 -8.42 -1.97
C ALA A 165 -16.36 -8.43 -1.11
N THR A 166 -17.02 -7.30 -1.13
CA THR A 166 -18.14 -7.06 -0.26
C THR A 166 -19.23 -8.02 -0.61
N THR A 167 -19.02 -8.81 -1.66
CA THR A 167 -20.08 -9.72 -2.08
C THR A 167 -19.71 -11.19 -2.08
N GLU A 168 -18.43 -11.48 -1.91
CA GLU A 168 -18.04 -12.86 -2.04
C GLU A 168 -17.13 -13.23 -0.92
N LEU A 169 -16.56 -12.24 -0.27
CA LEU A 169 -15.69 -12.52 0.88
C LEU A 169 -16.43 -12.23 2.19
N ALA A 170 -16.06 -12.97 3.23
CA ALA A 170 -16.58 -12.71 4.55
C ALA A 170 -16.04 -11.34 5.03
N PRO A 171 -16.82 -10.60 5.83
CA PRO A 171 -16.41 -9.24 6.23
C PRO A 171 -15.18 -9.31 7.08
N THR A 172 -14.89 -10.52 7.54
CA THR A 172 -13.84 -10.72 8.47
C THR A 172 -12.53 -11.06 7.78
N HIS A 173 -12.58 -11.12 6.44
CA HIS A 173 -11.50 -11.67 5.65
C HIS A 173 -10.37 -10.65 5.44
N PRO A 174 -9.11 -11.08 5.60
CA PRO A 174 -7.99 -10.15 5.60
C PRO A 174 -8.01 -9.25 4.38
N ILE A 175 -8.45 -9.81 3.26
CA ILE A 175 -8.51 -9.05 2.00
C ILE A 175 -9.64 -8.02 1.98
N ARG A 176 -10.88 -8.45 2.28
CA ARG A 176 -12.03 -7.53 2.34
C ARG A 176 -11.59 -6.42 3.27
N LEU A 177 -10.80 -6.77 4.30
CA LEU A 177 -10.60 -5.86 5.40
C LEU A 177 -9.48 -4.91 5.09
N GLY A 178 -8.44 -5.44 4.46
CA GLY A 178 -7.32 -4.61 4.03
C GLY A 178 -7.76 -3.69 2.90
N LEU A 179 -8.60 -4.20 2.00
CA LEU A 179 -9.15 -3.32 0.96
C LEU A 179 -9.79 -2.11 1.58
N ALA A 180 -10.83 -2.35 2.38
CA ALA A 180 -11.51 -1.24 3.10
C ALA A 180 -10.50 -0.33 3.78
N LEU A 181 -9.47 -0.92 4.41
CA LEU A 181 -8.52 -0.03 5.12
C LEU A 181 -7.84 0.91 4.15
N ASN A 182 -7.40 0.41 3.01
CA ASN A 182 -6.61 1.25 2.09
C ASN A 182 -7.50 2.15 1.28
N PHE A 183 -8.64 1.59 0.95
CA PHE A 183 -9.65 2.34 0.24
C PHE A 183 -9.99 3.59 0.99
N SER A 184 -10.09 3.52 2.30
CA SER A 184 -10.57 4.73 2.94
C SER A 184 -9.48 5.67 3.25
N VAL A 185 -8.23 5.23 3.15
CA VAL A 185 -7.12 6.14 3.34
C VAL A 185 -6.99 6.96 2.08
N PHE A 186 -7.35 6.34 0.95
CA PHE A 186 -7.38 7.02 -0.32
C PHE A 186 -8.31 8.22 -0.23
N TYR A 187 -9.56 7.98 0.13
CA TYR A 187 -10.45 9.10 0.41
C TYR A 187 -9.85 10.05 1.38
N TYR A 188 -9.30 9.56 2.49
CA TYR A 188 -9.02 10.54 3.52
C TYR A 188 -7.93 11.39 3.03
N GLU A 189 -7.01 10.78 2.30
CA GLU A 189 -5.77 11.44 2.04
C GLU A 189 -5.62 11.97 0.66
N ILE A 190 -6.11 11.22 -0.31
CA ILE A 190 -6.01 11.65 -1.68
C ILE A 190 -7.19 12.55 -2.05
N LEU A 191 -8.43 12.03 -2.00
CA LEU A 191 -9.56 12.83 -2.40
C LEU A 191 -9.75 13.86 -1.34
N ASN A 192 -9.21 13.59 -0.18
CA ASN A 192 -9.44 14.51 0.88
C ASN A 192 -10.89 14.73 1.28
N SER A 193 -11.77 13.74 1.05
CA SER A 193 -13.06 13.81 1.69
C SER A 193 -13.24 12.89 2.89
N PRO A 194 -13.02 13.43 4.10
CA PRO A 194 -13.10 12.64 5.33
C PRO A 194 -14.39 11.85 5.37
N ASP A 195 -15.49 12.56 5.19
CA ASP A 195 -16.73 11.91 5.46
C ASP A 195 -16.77 10.54 4.83
N ARG A 196 -16.54 10.49 3.53
CA ARG A 196 -16.54 9.22 2.81
C ARG A 196 -15.55 8.22 3.46
N ALA A 197 -14.50 8.73 4.09
CA ALA A 197 -13.46 7.89 4.70
C ALA A 197 -13.96 7.18 5.93
N CYS A 198 -14.45 7.96 6.89
CA CYS A 198 -14.97 7.41 8.12
C CYS A 198 -16.13 6.48 7.85
N ASN A 199 -17.05 6.86 6.99
CA ASN A 199 -18.13 5.92 6.74
C ASN A 199 -17.63 4.58 6.17
N LEU A 200 -16.70 4.61 5.21
CA LEU A 200 -16.25 3.33 4.65
C LEU A 200 -15.51 2.52 5.73
N ALA A 201 -14.72 3.21 6.54
CA ALA A 201 -13.98 2.57 7.59
C ALA A 201 -14.94 1.99 8.63
N LYS A 202 -15.86 2.83 9.08
CA LYS A 202 -16.73 2.47 10.15
C LYS A 202 -17.52 1.29 9.70
N GLN A 203 -17.98 1.35 8.48
CA GLN A 203 -18.83 0.29 7.95
C GLN A 203 -18.06 -0.99 7.93
N ALA A 204 -16.82 -0.96 7.48
CA ALA A 204 -16.10 -2.21 7.36
C ALA A 204 -15.78 -2.80 8.74
N PHE A 205 -15.53 -1.93 9.70
CA PHE A 205 -15.30 -2.37 11.06
C PHE A 205 -16.56 -3.00 11.64
N ASP A 206 -17.70 -2.30 11.56
CA ASP A 206 -18.91 -2.83 12.19
C ASP A 206 -19.28 -4.18 11.64
N GLU A 207 -19.17 -4.42 10.35
CA GLU A 207 -19.61 -5.77 9.98
C GLU A 207 -18.60 -6.82 10.09
N ALA A 208 -17.37 -6.46 10.45
CA ALA A 208 -16.47 -7.49 10.94
C ALA A 208 -16.95 -7.84 12.35
N ILE A 209 -17.25 -6.82 13.15
CA ILE A 209 -17.76 -7.04 14.50
C ILE A 209 -18.98 -7.98 14.43
N ALA A 210 -19.93 -7.67 13.52
CA ALA A 210 -21.13 -8.50 13.42
C ALA A 210 -20.74 -9.95 13.28
N GLU A 211 -19.48 -10.24 13.07
CA GLU A 211 -19.20 -11.60 12.69
C GLU A 211 -17.95 -12.15 13.29
N LEU A 212 -17.54 -11.53 14.38
CA LEU A 212 -16.35 -11.91 15.07
C LEU A 212 -16.43 -13.31 15.65
N ASP A 213 -17.64 -13.86 15.79
CA ASP A 213 -17.82 -15.17 16.50
C ASP A 213 -16.66 -16.13 16.21
N TYR A 220 -8.10 -15.99 12.58
CA TYR A 220 -7.70 -14.71 13.19
C TYR A 220 -6.47 -14.06 12.54
N LYS A 221 -5.96 -13.04 13.27
CA LYS A 221 -4.59 -12.50 13.21
C LYS A 221 -3.93 -11.68 12.08
N ASP A 222 -4.64 -11.48 10.98
CA ASP A 222 -4.16 -10.54 9.98
C ASP A 222 -5.42 -9.68 10.03
N SER A 223 -6.54 -10.30 10.31
CA SER A 223 -7.79 -9.60 10.36
C SER A 223 -7.78 -8.76 11.61
N THR A 224 -7.38 -9.37 12.70
CA THR A 224 -7.40 -8.70 13.96
C THR A 224 -6.59 -7.43 13.88
N LEU A 225 -5.38 -7.53 13.39
CA LEU A 225 -4.59 -6.30 13.28
C LEU A 225 -5.40 -5.26 12.54
N ILE A 226 -5.89 -5.65 11.34
CA ILE A 226 -6.47 -4.66 10.41
C ILE A 226 -7.65 -3.95 11.06
N MET A 227 -8.57 -4.70 11.65
CA MET A 227 -9.63 -4.06 12.47
C MET A 227 -9.07 -3.04 13.48
N GLN A 228 -7.90 -3.23 14.04
CA GLN A 228 -7.45 -2.21 14.94
C GLN A 228 -6.94 -0.99 14.21
N LEU A 229 -6.31 -1.19 13.06
CA LEU A 229 -5.85 -0.05 12.26
C LEU A 229 -7.03 0.78 11.81
N LEU A 230 -8.16 0.13 11.49
CA LEU A 230 -9.37 0.95 11.14
C LEU A 230 -9.76 1.82 12.30
N ARG A 231 -9.94 1.19 13.45
CA ARG A 231 -10.26 1.90 14.70
C ARG A 231 -9.29 3.04 14.96
N ASP A 232 -7.99 2.82 14.84
CA ASP A 232 -7.05 3.92 15.08
C ASP A 232 -7.20 5.03 14.07
N ASN A 233 -7.43 4.70 12.80
CA ASN A 233 -7.65 5.72 11.79
C ASN A 233 -8.90 6.57 12.15
N LEU A 234 -10.03 5.92 12.45
CA LEU A 234 -11.22 6.67 12.89
C LEU A 234 -10.98 7.60 14.07
N THR A 235 -10.38 7.12 15.15
CA THR A 235 -10.29 8.03 16.27
C THR A 235 -9.36 9.16 15.87
N LEU A 236 -8.49 8.90 14.92
CA LEU A 236 -7.55 9.93 14.50
C LEU A 236 -8.20 10.87 13.50
N TRP A 237 -9.15 10.37 12.71
CA TRP A 237 -9.79 11.24 11.74
C TRP A 237 -10.91 12.08 12.36
N THR A 238 -11.46 11.56 13.44
CA THR A 238 -12.46 12.23 14.22
C THR A 238 -11.84 13.40 14.98
N SER A 239 -10.61 13.25 15.44
CA SER A 239 -10.02 14.25 16.36
C SER A 239 -9.43 15.49 15.68
N ASP A 240 -9.36 15.48 14.35
CA ASP A 240 -8.54 16.46 13.60
C ASP A 240 -7.96 17.60 14.46
N ARG B 1 4.20 -4.69 15.63
CA ARG B 1 3.34 -5.08 14.48
C ARG B 1 2.97 -3.86 13.62
N ARG B 2 2.61 -2.76 14.29
CA ARG B 2 2.34 -1.49 13.63
C ARG B 2 3.57 -0.81 13.05
N GLU B 3 4.71 -1.03 13.69
CA GLU B 3 5.97 -0.51 13.16
C GLU B 3 6.59 -1.48 12.17
N LEU B 4 6.14 -2.73 12.24
CA LEU B 4 6.65 -3.70 11.32
C LEU B 4 5.76 -3.65 10.11
N HIS B 5 4.47 -3.50 10.33
CA HIS B 5 3.58 -3.75 9.22
C HIS B 5 3.03 -2.54 8.57
N THR B 6 3.34 -1.38 9.13
CA THR B 6 2.79 -0.20 8.52
C THR B 6 3.81 0.86 8.26
N LEU B 7 3.59 1.57 7.17
CA LEU B 7 4.44 2.66 6.87
C LEU B 7 4.44 3.65 8.04
N LYS B 8 3.25 4.08 8.48
CA LYS B 8 3.16 5.10 9.53
C LYS B 8 3.92 4.70 10.79
N GLY B 9 3.69 3.49 11.26
CA GLY B 9 4.53 2.98 12.36
C GLY B 9 6.03 3.08 12.07
N HIS B 10 6.46 2.51 10.94
CA HIS B 10 7.87 2.60 10.58
C HIS B 10 8.36 4.02 10.56
N VAL B 11 7.60 4.91 9.96
CA VAL B 11 8.15 6.22 9.79
C VAL B 11 8.29 6.91 11.10
N GLU B 12 7.54 6.46 12.10
CA GLU B 12 7.58 7.11 13.40
C GLU B 12 8.77 6.63 14.18
N ALA B 13 8.97 5.32 14.21
CA ALA B 13 10.20 4.78 14.77
C ALA B 13 11.37 5.61 14.23
N VAL B 14 11.50 5.59 12.92
CA VAL B 14 12.66 6.20 12.29
C VAL B 14 12.91 7.65 12.68
N VAL B 15 11.85 8.41 12.92
CA VAL B 15 12.05 9.82 13.21
C VAL B 15 12.20 10.09 14.70
N LYS B 16 11.57 9.27 15.53
CA LYS B 16 11.92 9.28 16.94
C LYS B 16 13.41 9.00 17.05
N LEU B 17 13.87 7.97 16.37
CA LEU B 17 15.29 7.68 16.38
C LEU B 17 16.18 8.81 15.86
N LYS B 18 15.98 9.23 14.63
CA LYS B 18 16.87 10.22 14.02
C LYS B 18 17.05 11.48 14.84
N GLY B 19 16.37 11.57 16.00
CA GLY B 19 16.32 12.78 16.83
C GLY B 19 15.60 13.94 16.15
N LEU B 20 14.78 13.64 15.13
CA LEU B 20 14.24 14.71 14.25
C LEU B 20 13.32 15.72 14.95
N ASP B 21 13.77 16.96 14.98
CA ASP B 21 13.08 18.05 15.62
C ASP B 21 11.85 18.49 14.86
N ILE B 22 11.73 18.03 13.63
CA ILE B 22 10.64 18.44 12.78
C ILE B 22 9.30 18.04 13.30
N GLU B 23 8.35 18.91 13.08
CA GLU B 23 6.98 18.72 13.49
C GLU B 23 6.32 17.62 12.68
N THR B 24 5.35 16.97 13.32
CA THR B 24 4.73 15.75 12.89
C THR B 24 4.19 15.71 11.47
N ILE B 25 4.60 14.69 10.73
CA ILE B 25 4.12 14.53 9.40
C ILE B 25 2.80 13.79 9.48
N GLN B 26 1.97 13.93 8.46
CA GLN B 26 0.61 13.47 8.59
C GLN B 26 0.33 12.21 7.82
N GLN B 27 -0.01 11.17 8.53
CA GLN B 27 -0.30 9.93 7.89
C GLN B 27 -1.30 9.19 8.71
N SER B 28 -1.90 8.20 8.10
CA SER B 28 -2.84 7.33 8.75
C SER B 28 -2.24 5.99 8.48
N TYR B 29 -2.98 4.93 8.83
CA TYR B 29 -2.45 3.61 8.74
C TYR B 29 -2.94 2.94 7.49
N ASP B 30 -2.02 2.39 6.73
CA ASP B 30 -2.44 1.58 5.59
C ASP B 30 -1.61 0.36 5.60
N ILE B 31 -2.06 -0.61 4.84
CA ILE B 31 -1.65 -1.94 5.05
C ILE B 31 -0.55 -2.28 4.05
#